data_4PFS
#
_entry.id   4PFS
#
_cell.length_a   88.810
_cell.length_b   88.810
_cell.length_c   122.310
_cell.angle_alpha   90.00
_cell.angle_beta   90.00
_cell.angle_gamma   90.00
#
_symmetry.space_group_name_H-M   'P 41 21 2'
#
loop_
_entity.id
_entity.type
_entity.pdbx_description
1 polymer 'Cobyrinic Acid a,c-diamide synthase'
2 water water
#
_entity_poly.entity_id   1
_entity_poly.type   'polypeptide(L)'
_entity_poly.pdbx_seq_one_letter_code
;MAHHHHHHMTRVLAVANQKGGVAKTTTVASIGAALTEQGRRVLLVDLDPQGCLTFSLGHDPDKLPVSVHEVLLGDVEPSA
ALVRTDEGMTLLPANIDLAGAEAMLLMRAGREYALKRALAKLDGDFDVVIIDCPPSLGVLTLNGLTAAHDVIVPLQCETL
AHRGVGQFLRTISDVQQITNPDLKLLGALPTLYDSRTTHSRDVLLDVADRYELPVLAPPIPRTVRFAEASASGSSVLAGR
KSKGAIAYREFADALLRHWKSGRKMPTFTPEVV
;
_entity_poly.pdbx_strand_id   A,B
#
# COMPACT_ATOMS: atom_id res chain seq x y z
N MET A 9 12.15 -18.58 34.74
CA MET A 9 12.54 -19.63 33.81
C MET A 9 12.33 -19.15 32.38
N THR A 10 13.43 -18.86 31.69
CA THR A 10 13.40 -18.28 30.35
C THR A 10 12.48 -19.01 29.35
N ARG A 11 11.61 -18.25 28.69
CA ARG A 11 10.81 -18.74 27.59
C ARG A 11 11.31 -18.12 26.28
N VAL A 12 11.40 -18.93 25.24
CA VAL A 12 11.88 -18.45 23.95
C VAL A 12 10.77 -18.59 22.91
N LEU A 13 10.41 -17.47 22.29
CA LEU A 13 9.35 -17.45 21.30
C LEU A 13 9.92 -17.10 19.97
N ALA A 14 9.75 -18.00 18.99
CA ALA A 14 10.13 -17.71 17.62
C ALA A 14 8.95 -17.07 16.88
N VAL A 15 9.23 -16.05 16.08
CA VAL A 15 8.21 -15.46 15.23
C VAL A 15 8.62 -15.65 13.77
N ALA A 16 7.85 -16.45 13.03
CA ALA A 16 8.33 -16.89 11.73
C ALA A 16 7.23 -16.97 10.68
N ASN A 17 7.64 -16.67 9.45
CA ASN A 17 6.81 -16.72 8.25
C ASN A 17 7.72 -16.51 7.04
N GLN A 18 7.81 -17.52 6.17
CA GLN A 18 8.75 -17.44 5.05
C GLN A 18 8.26 -16.44 3.99
N LYS A 19 6.98 -16.08 4.04
CA LYS A 19 6.45 -15.05 3.15
C LYS A 19 6.67 -13.68 3.78
N GLY A 20 6.97 -12.69 2.95
CA GLY A 20 7.32 -11.38 3.45
C GLY A 20 6.12 -10.50 3.75
N ALA A 23 4.36 -6.31 9.42
CA ALA A 23 3.68 -7.48 9.97
C ALA A 23 4.58 -8.22 10.97
N LYS A 24 5.43 -9.07 10.42
CA LYS A 24 6.24 -10.00 11.17
C LYS A 24 7.13 -9.30 12.20
N THR A 25 7.84 -8.28 11.74
CA THR A 25 8.81 -7.58 12.58
C THR A 25 8.12 -6.66 13.60
N THR A 26 7.03 -6.04 13.19
CA THR A 26 6.20 -5.25 14.10
C THR A 26 5.70 -6.10 15.26
N THR A 27 5.37 -7.34 14.95
CA THR A 27 4.86 -8.26 15.95
C THR A 27 5.92 -8.55 17.01
N VAL A 28 7.13 -8.86 16.59
CA VAL A 28 8.21 -9.11 17.53
C VAL A 28 8.39 -7.91 18.47
N ALA A 29 8.52 -6.72 17.87
CA ALA A 29 8.79 -5.49 18.60
C ALA A 29 7.64 -5.14 19.55
N SER A 30 6.40 -5.29 19.08
CA SER A 30 5.22 -4.83 19.85
C SER A 30 4.91 -5.75 21.01
N ILE A 31 5.02 -7.06 20.76
CA ILE A 31 4.90 -8.02 21.84
C ILE A 31 6.00 -7.78 22.88
N GLY A 32 7.24 -7.62 22.40
CA GLY A 32 8.36 -7.34 23.27
C GLY A 32 8.11 -6.19 24.24
N ALA A 33 7.63 -5.08 23.70
CA ALA A 33 7.32 -3.90 24.52
C ALA A 33 6.16 -4.14 25.49
N ALA A 34 5.19 -4.95 25.09
CA ALA A 34 4.04 -5.20 25.95
C ALA A 34 4.47 -6.05 27.15
N LEU A 35 5.34 -7.03 26.91
CA LEU A 35 5.88 -7.82 28.01
C LEU A 35 6.74 -6.95 28.93
N THR A 36 7.52 -6.06 28.33
CA THR A 36 8.36 -5.13 29.07
C THR A 36 7.51 -4.19 29.94
N GLU A 37 6.31 -3.87 29.46
CA GLU A 37 5.36 -3.10 30.26
C GLU A 37 4.81 -3.94 31.42
N GLN A 38 4.61 -5.23 31.19
CA GLN A 38 3.99 -6.08 32.19
C GLN A 38 5.03 -6.64 33.17
N GLY A 39 6.29 -6.22 33.01
CA GLY A 39 7.30 -6.41 34.04
C GLY A 39 8.48 -7.30 33.67
N ARG A 40 8.37 -8.00 32.55
CA ARG A 40 9.32 -9.02 32.17
C ARG A 40 10.58 -8.45 31.53
N ARG A 41 11.71 -9.12 31.73
CA ARG A 41 12.94 -8.75 31.07
C ARG A 41 12.97 -9.41 29.69
N VAL A 42 13.08 -8.60 28.63
CA VAL A 42 12.91 -9.12 27.27
C VAL A 42 14.15 -8.97 26.40
N LEU A 43 14.51 -10.06 25.73
CA LEU A 43 15.55 -10.02 24.72
C LEU A 43 14.93 -10.27 23.34
N LEU A 44 15.15 -9.33 22.41
CA LEU A 44 14.75 -9.49 21.02
C LEU A 44 15.96 -9.89 20.18
N VAL A 45 15.80 -10.84 19.27
CA VAL A 45 16.90 -11.30 18.41
C VAL A 45 16.54 -11.07 16.93
N ASP A 46 17.34 -10.27 16.24
CA ASP A 46 17.19 -10.08 14.80
C ASP A 46 17.98 -11.17 14.08
N LEU A 47 17.29 -12.02 13.32
CA LEU A 47 17.93 -13.09 12.55
C LEU A 47 17.85 -12.84 11.04
N ASP A 48 17.44 -11.63 10.67
CA ASP A 48 17.32 -11.28 9.25
C ASP A 48 18.46 -10.35 8.85
N PRO A 49 19.31 -10.77 7.92
CA PRO A 49 20.43 -9.93 7.46
C PRO A 49 20.00 -8.56 6.95
N GLN A 50 18.73 -8.39 6.54
CA GLN A 50 18.27 -7.06 6.09
C GLN A 50 18.11 -6.12 7.30
N GLY A 51 18.07 -6.69 8.49
CA GLY A 51 18.14 -5.92 9.73
C GLY A 51 16.89 -5.12 10.07
N CYS A 52 15.72 -5.61 9.65
CA CYS A 52 14.46 -4.88 9.81
C CYS A 52 14.13 -4.52 11.27
N LEU A 53 14.17 -5.52 12.14
CA LEU A 53 13.91 -5.30 13.55
C LEU A 53 14.92 -4.30 14.09
N THR A 54 16.19 -4.52 13.74
CA THR A 54 17.28 -3.69 14.26
C THR A 54 17.10 -2.22 13.89
N PHE A 55 16.81 -1.96 12.61
CA PHE A 55 16.56 -0.61 12.13
C PHE A 55 15.28 0.00 12.72
N SER A 56 14.24 -0.81 12.86
CA SER A 56 12.97 -0.31 13.38
C SER A 56 13.11 0.09 14.86
N LEU A 57 14.10 -0.48 15.54
CA LEU A 57 14.37 -0.14 16.93
C LEU A 57 15.40 0.98 17.07
N GLY A 58 15.78 1.60 15.95
CA GLY A 58 16.64 2.77 16.01
C GLY A 58 18.13 2.57 15.82
N HIS A 59 18.57 1.35 15.51
CA HIS A 59 19.99 1.17 15.18
C HIS A 59 20.21 1.10 13.67
N ASP A 60 21.30 1.68 13.21
CA ASP A 60 21.75 1.57 11.83
C ASP A 60 22.63 0.32 11.70
N PRO A 61 22.08 -0.77 11.15
CA PRO A 61 22.79 -2.07 11.14
C PRO A 61 24.15 -1.99 10.42
N ASP A 62 24.25 -1.17 9.38
CA ASP A 62 25.51 -0.98 8.66
C ASP A 62 26.61 -0.35 9.51
N LYS A 63 26.22 0.25 10.63
CA LYS A 63 27.20 0.92 11.49
C LYS A 63 27.66 0.04 12.67
N LEU A 64 26.92 -1.03 12.96
CA LEU A 64 27.20 -1.91 14.10
C LEU A 64 28.59 -2.54 14.02
N PRO A 65 29.44 -2.32 15.02
CA PRO A 65 30.78 -2.91 14.96
C PRO A 65 30.73 -4.45 14.92
N VAL A 66 29.81 -5.05 15.67
CA VAL A 66 29.58 -6.48 15.62
C VAL A 66 28.08 -6.77 15.67
N SER A 67 27.69 -8.02 15.44
CA SER A 67 26.27 -8.38 15.48
C SER A 67 26.06 -9.85 15.80
N VAL A 68 24.82 -10.32 15.63
CA VAL A 68 24.47 -11.71 15.85
C VAL A 68 25.30 -12.62 14.94
N HIS A 69 25.71 -12.09 13.79
CA HIS A 69 26.63 -12.77 12.91
C HIS A 69 27.85 -13.34 13.67
N GLU A 70 28.68 -12.47 14.24
CA GLU A 70 29.84 -12.93 15.00
C GLU A 70 29.43 -13.82 16.19
N VAL A 71 28.24 -13.58 16.73
CA VAL A 71 27.79 -14.38 17.86
C VAL A 71 27.50 -15.83 17.45
N LEU A 72 26.75 -16.02 16.36
CA LEU A 72 26.47 -17.36 15.84
C LEU A 72 27.74 -18.12 15.49
N LEU A 73 28.77 -17.39 15.07
CA LEU A 73 30.00 -18.04 14.61
C LEU A 73 30.95 -18.32 15.77
N GLY A 74 30.67 -17.72 16.93
CA GLY A 74 31.48 -17.94 18.12
C GLY A 74 32.66 -16.99 18.26
N ASP A 75 32.73 -15.98 17.41
CA ASP A 75 33.87 -15.06 17.46
C ASP A 75 33.69 -13.97 18.51
N VAL A 76 32.45 -13.74 18.91
CA VAL A 76 32.15 -12.77 19.95
C VAL A 76 31.15 -13.41 20.90
N GLU A 77 31.34 -13.20 22.19
CA GLU A 77 30.37 -13.65 23.17
C GLU A 77 29.08 -12.84 23.04
N PRO A 78 27.93 -13.50 23.24
CA PRO A 78 26.60 -12.92 23.11
C PRO A 78 26.44 -11.57 23.82
N SER A 79 26.88 -11.50 25.07
CA SER A 79 26.75 -10.28 25.86
C SER A 79 27.40 -9.07 25.21
N ALA A 80 28.55 -9.28 24.56
CA ALA A 80 29.29 -8.20 23.96
C ALA A 80 28.59 -7.61 22.75
N ALA A 81 27.57 -8.30 22.22
CA ALA A 81 26.92 -7.84 21.00
C ALA A 81 25.58 -7.16 21.25
N LEU A 82 25.08 -7.21 22.48
CA LEU A 82 23.78 -6.65 22.82
C LEU A 82 23.78 -5.12 22.85
N VAL A 83 22.68 -4.53 22.40
CA VAL A 83 22.48 -3.08 22.41
C VAL A 83 21.16 -2.73 23.10
N ARG A 84 21.02 -1.48 23.52
CA ARG A 84 19.80 -1.04 24.19
C ARG A 84 18.75 -0.56 23.19
N THR A 85 17.50 -0.48 23.65
CA THR A 85 16.43 0.15 22.90
C THR A 85 15.79 1.22 23.76
N ASP A 86 15.15 2.21 23.13
CA ASP A 86 14.49 3.25 23.89
C ASP A 86 13.37 2.65 24.76
N GLU A 87 12.73 1.61 24.25
CA GLU A 87 11.56 0.99 24.90
C GLU A 87 11.90 0.15 26.13
N GLY A 88 13.17 -0.19 26.32
CA GLY A 88 13.57 -0.93 27.50
C GLY A 88 14.03 -2.35 27.21
N MET A 89 13.62 -2.89 26.07
CA MET A 89 14.06 -4.22 25.65
CA MET A 89 14.07 -4.23 25.74
C MET A 89 15.53 -4.21 25.31
N THR A 90 16.17 -5.36 25.40
CA THR A 90 17.53 -5.55 24.98
C THR A 90 17.45 -6.25 23.63
N LEU A 91 18.34 -5.87 22.70
CA LEU A 91 18.31 -6.38 21.33
C LEU A 91 19.63 -7.03 20.93
N LEU A 92 19.54 -8.23 20.38
CA LEU A 92 20.68 -8.87 19.74
C LEU A 92 20.56 -8.61 18.23
N PRO A 93 21.29 -7.59 17.72
CA PRO A 93 21.05 -7.05 16.38
C PRO A 93 21.63 -7.86 15.21
N ALA A 94 21.14 -7.54 14.01
CA ALA A 94 21.65 -8.14 12.78
C ALA A 94 22.09 -7.06 11.80
N ASN A 95 23.03 -7.39 10.91
CA ASN A 95 23.23 -6.60 9.71
C ASN A 95 23.55 -7.52 8.53
N ILE A 96 23.87 -6.94 7.37
CA ILE A 96 24.05 -7.71 6.14
C ILE A 96 25.16 -8.77 6.24
N ASP A 97 26.11 -8.59 7.15
CA ASP A 97 27.10 -9.62 7.48
C ASP A 97 26.44 -11.00 7.71
N LEU A 98 25.30 -11.01 8.40
CA LEU A 98 24.62 -12.25 8.73
C LEU A 98 24.33 -13.14 7.52
N ALA A 99 24.24 -12.54 6.34
CA ALA A 99 24.03 -13.30 5.12
C ALA A 99 25.18 -14.29 4.91
N GLY A 100 26.33 -13.99 5.49
CA GLY A 100 27.49 -14.84 5.34
C GLY A 100 27.44 -16.06 6.24
N ALA A 101 26.80 -15.91 7.40
CA ALA A 101 26.71 -17.02 8.36
C ALA A 101 25.95 -18.18 7.74
N GLU A 102 24.81 -17.85 7.12
CA GLU A 102 24.01 -18.81 6.37
C GLU A 102 24.88 -19.71 5.48
N ALA A 103 25.88 -19.11 4.84
CA ALA A 103 26.77 -19.85 3.96
C ALA A 103 27.84 -20.64 4.73
N MET A 104 28.39 -20.03 5.78
CA MET A 104 29.45 -20.67 6.56
C MET A 104 28.93 -21.75 7.50
N LEU A 105 27.64 -21.72 7.79
CA LEU A 105 27.10 -22.59 8.84
C LEU A 105 26.75 -23.97 8.34
N LEU A 106 26.20 -24.08 7.13
CA LEU A 106 25.93 -25.39 6.54
C LEU A 106 27.24 -26.19 6.42
N MET A 107 28.36 -25.46 6.33
CA MET A 107 29.70 -26.05 6.27
C MET A 107 30.01 -26.89 7.51
N ARG A 108 29.63 -26.35 8.67
CA ARG A 108 29.90 -26.99 9.96
C ARG A 108 28.81 -27.98 10.39
N ALA A 109 29.14 -28.75 11.43
CA ALA A 109 28.22 -29.74 11.99
C ALA A 109 27.48 -29.11 13.15
N GLY A 110 26.22 -29.48 13.32
CA GLY A 110 25.40 -28.88 14.36
C GLY A 110 25.16 -27.41 14.07
N ARG A 111 25.01 -27.09 12.79
CA ARG A 111 24.69 -25.75 12.34
C ARG A 111 23.44 -25.19 13.01
N GLU A 112 22.45 -26.06 13.21
CA GLU A 112 21.14 -25.70 13.70
C GLU A 112 21.13 -25.10 15.12
N TYR A 113 22.14 -25.47 15.90
CA TYR A 113 22.17 -25.16 17.33
C TYR A 113 22.99 -23.91 17.72
N ALA A 114 23.52 -23.17 16.73
CA ALA A 114 24.34 -22.00 17.04
C ALA A 114 23.60 -20.97 17.91
N LEU A 115 22.40 -20.54 17.51
CA LEU A 115 21.63 -19.60 18.34
C LEU A 115 21.29 -20.19 19.70
N LYS A 116 20.97 -21.49 19.72
CA LYS A 116 20.58 -22.16 20.95
C LYS A 116 21.69 -22.10 22.00
N ARG A 117 22.92 -22.33 21.57
CA ARG A 117 24.07 -22.28 22.44
C ARG A 117 24.34 -20.85 22.91
N ALA A 118 24.19 -19.88 22.00
CA ALA A 118 24.41 -18.49 22.38
C ALA A 118 23.40 -18.05 23.45
N LEU A 119 22.14 -18.45 23.27
CA LEU A 119 21.10 -18.05 24.22
C LEU A 119 21.31 -18.69 25.60
N ALA A 120 21.89 -19.88 25.63
CA ALA A 120 22.16 -20.57 26.91
C ALA A 120 23.09 -19.75 27.80
N LYS A 121 24.05 -19.05 27.20
CA LYS A 121 24.98 -18.20 27.94
C LYS A 121 24.26 -17.05 28.65
N LEU A 122 23.11 -16.65 28.12
CA LEU A 122 22.34 -15.53 28.64
C LEU A 122 21.18 -15.96 29.54
N ASP A 123 20.98 -17.26 29.70
CA ASP A 123 19.93 -17.78 30.58
C ASP A 123 20.05 -17.14 31.96
N GLY A 124 18.92 -16.67 32.48
CA GLY A 124 18.93 -16.02 33.79
C GLY A 124 19.01 -14.51 33.69
N ASP A 125 19.40 -14.00 32.52
CA ASP A 125 19.45 -12.55 32.29
C ASP A 125 18.10 -12.01 31.82
N PHE A 126 17.26 -12.90 31.33
CA PHE A 126 16.01 -12.50 30.68
C PHE A 126 14.86 -13.45 31.03
N ASP A 127 13.66 -12.91 31.04
CA ASP A 127 12.48 -13.72 31.27
C ASP A 127 11.96 -14.28 29.95
N VAL A 128 11.97 -13.47 28.91
CA VAL A 128 11.45 -13.91 27.64
C VAL A 128 12.40 -13.49 26.53
N VAL A 129 12.55 -14.37 25.54
CA VAL A 129 13.33 -14.08 24.35
C VAL A 129 12.40 -14.18 23.15
N ILE A 130 12.40 -13.19 22.28
CA ILE A 130 11.61 -13.27 21.07
C ILE A 130 12.52 -13.15 19.85
N ILE A 131 12.35 -14.07 18.90
CA ILE A 131 13.23 -14.17 17.74
C ILE A 131 12.51 -13.81 16.45
N ASP A 132 13.05 -12.83 15.72
CA ASP A 132 12.55 -12.43 14.40
C ASP A 132 13.26 -13.20 13.30
N CYS A 133 12.64 -14.27 12.81
CA CYS A 133 13.23 -15.08 11.73
C CYS A 133 13.10 -14.43 10.37
N PRO A 134 14.09 -14.63 9.49
CA PRO A 134 14.04 -14.03 8.14
C PRO A 134 12.94 -14.67 7.30
N PRO A 135 12.54 -14.02 6.20
CA PRO A 135 11.50 -14.62 5.35
C PRO A 135 12.11 -15.71 4.42
N SER A 136 12.40 -16.83 5.05
CA SER A 136 13.01 -17.97 4.38
C SER A 136 12.90 -19.16 5.32
N LEU A 137 13.20 -20.34 4.78
CA LEU A 137 13.18 -21.55 5.56
C LEU A 137 14.56 -22.20 5.44
N GLY A 138 15.61 -21.38 5.56
CA GLY A 138 16.99 -21.87 5.54
C GLY A 138 17.60 -22.03 6.92
N VAL A 139 18.93 -21.95 6.98
CA VAL A 139 19.67 -22.20 8.21
C VAL A 139 19.36 -21.20 9.32
N LEU A 140 19.17 -19.94 8.95
CA LEU A 140 18.89 -18.92 9.93
C LEU A 140 17.55 -19.18 10.60
N THR A 141 16.52 -19.49 9.80
CA THR A 141 15.18 -19.70 10.37
C THR A 141 15.21 -21.01 11.17
N LEU A 142 16.02 -21.95 10.71
CA LEU A 142 16.20 -23.21 11.41
C LEU A 142 16.84 -23.01 12.77
N ASN A 143 17.79 -22.08 12.85
CA ASN A 143 18.37 -21.72 14.12
C ASN A 143 17.34 -21.14 15.08
N GLY A 144 16.49 -20.25 14.57
CA GLY A 144 15.44 -19.65 15.40
C GLY A 144 14.46 -20.70 15.91
N LEU A 145 13.96 -21.57 15.02
CA LEU A 145 13.02 -22.62 15.43
C LEU A 145 13.67 -23.67 16.37
N THR A 146 14.94 -23.99 16.14
CA THR A 146 15.67 -24.97 16.95
C THR A 146 15.97 -24.44 18.38
N ALA A 147 15.92 -23.12 18.57
CA ALA A 147 16.21 -22.50 19.87
C ALA A 147 14.96 -22.16 20.66
N ALA A 148 13.79 -22.27 20.02
CA ALA A 148 12.52 -21.84 20.61
C ALA A 148 11.75 -22.93 21.40
N HIS A 149 10.97 -22.51 22.40
CA HIS A 149 9.98 -23.41 23.00
C HIS A 149 8.69 -23.33 22.20
N ASP A 150 8.37 -22.12 21.80
CA ASP A 150 7.12 -21.80 21.14
C ASP A 150 7.35 -21.03 19.85
N VAL A 151 6.43 -21.21 18.91
CA VAL A 151 6.48 -20.47 17.67
C VAL A 151 5.07 -20.02 17.28
N ILE A 152 4.97 -18.80 16.74
CA ILE A 152 3.74 -18.30 16.13
C ILE A 152 4.06 -17.88 14.70
N VAL A 153 3.07 -17.97 13.82
CA VAL A 153 3.23 -17.35 12.52
C VAL A 153 2.29 -16.15 12.40
N PRO A 154 2.88 -14.96 12.25
CA PRO A 154 2.07 -13.75 11.97
C PRO A 154 1.52 -13.87 10.56
N LEU A 155 0.21 -13.86 10.43
CA LEU A 155 -0.42 -14.22 9.15
C LEU A 155 -1.32 -13.12 8.65
N GLN A 156 -0.98 -12.56 7.49
CA GLN A 156 -1.78 -11.53 6.85
C GLN A 156 -3.13 -12.06 6.40
N CYS A 157 -4.17 -11.25 6.58
CA CYS A 157 -5.48 -11.60 6.04
C CYS A 157 -6.11 -10.46 5.23
N GLU A 158 -5.28 -9.76 4.45
CA GLU A 158 -5.80 -8.82 3.47
C GLU A 158 -6.36 -9.61 2.29
N THR A 159 -5.57 -10.58 1.82
CA THR A 159 -5.96 -11.38 0.67
C THR A 159 -5.93 -12.87 0.98
N LEU A 160 -6.34 -13.68 -0.01
CA LEU A 160 -6.32 -15.12 0.11
C LEU A 160 -5.11 -15.69 -0.63
N ALA A 161 -3.98 -15.72 0.05
CA ALA A 161 -2.76 -16.23 -0.53
C ALA A 161 -2.02 -16.99 0.53
N HIS A 162 -2.74 -17.83 1.25
CA HIS A 162 -2.15 -18.63 2.32
C HIS A 162 -1.47 -19.88 1.76
N ARG A 163 -1.10 -19.84 0.48
CA ARG A 163 -0.15 -20.81 -0.02
C ARG A 163 1.09 -20.61 0.82
N GLY A 164 1.79 -21.70 1.11
CA GLY A 164 2.97 -21.55 1.95
C GLY A 164 2.74 -22.02 3.37
N VAL A 165 1.47 -22.03 3.81
CA VAL A 165 1.18 -22.47 5.17
C VAL A 165 1.51 -23.97 5.27
N GLY A 166 1.15 -24.74 4.24
CA GLY A 166 1.43 -26.17 4.22
C GLY A 166 2.91 -26.43 4.39
N GLN A 167 3.71 -25.75 3.57
CA GLN A 167 5.17 -25.87 3.65
C GLN A 167 5.72 -25.46 5.00
N PHE A 168 5.13 -24.43 5.61
CA PHE A 168 5.60 -23.95 6.91
C PHE A 168 5.33 -25.02 7.99
N LEU A 169 4.17 -25.65 7.93
CA LEU A 169 3.82 -26.71 8.88
C LEU A 169 4.75 -27.90 8.70
N ARG A 170 5.04 -28.24 7.45
CA ARG A 170 5.92 -29.37 7.17
C ARG A 170 7.32 -29.07 7.77
N THR A 171 7.73 -27.81 7.75
CA THR A 171 9.00 -27.39 8.34
C THR A 171 9.03 -27.48 9.87
N ILE A 172 7.97 -27.00 10.51
CA ILE A 172 7.79 -27.16 11.96
C ILE A 172 7.87 -28.64 12.37
N SER A 173 7.15 -29.48 11.63
CA SER A 173 7.15 -30.91 11.89
C SER A 173 8.53 -31.53 11.72
N ASP A 174 9.26 -31.08 10.71
CA ASP A 174 10.59 -31.61 10.46
C ASP A 174 11.52 -31.25 11.62
N VAL A 175 11.39 -30.02 12.11
CA VAL A 175 12.19 -29.55 13.22
C VAL A 175 11.93 -30.36 14.48
N GLN A 176 10.66 -30.64 14.75
CA GLN A 176 10.30 -31.41 15.94
C GLN A 176 10.91 -32.80 15.89
N GLN A 177 11.07 -33.32 14.69
CA GLN A 177 11.62 -34.67 14.51
C GLN A 177 13.13 -34.73 14.80
N ILE A 178 13.90 -33.74 14.38
CA ILE A 178 15.34 -33.93 14.46
C ILE A 178 16.20 -32.90 15.23
N THR A 179 15.72 -31.68 15.47
CA THR A 179 16.56 -30.77 16.24
C THR A 179 15.90 -30.22 17.49
N ASN A 180 14.58 -30.37 17.60
CA ASN A 180 13.85 -29.73 18.69
C ASN A 180 12.46 -30.30 18.86
N PRO A 181 12.37 -31.44 19.58
CA PRO A 181 11.12 -32.17 19.80
C PRO A 181 10.17 -31.41 20.71
N ASP A 182 10.71 -30.54 21.56
CA ASP A 182 9.88 -29.76 22.46
C ASP A 182 9.18 -28.55 21.79
N LEU A 183 9.46 -28.29 20.52
CA LEU A 183 8.94 -27.08 19.90
C LEU A 183 7.41 -27.12 19.79
N LYS A 184 6.75 -26.04 20.19
CA LYS A 184 5.29 -26.00 20.14
C LYS A 184 4.79 -24.89 19.23
N LEU A 185 3.94 -25.25 18.28
CA LEU A 185 3.29 -24.28 17.41
C LEU A 185 2.06 -23.72 18.11
N LEU A 186 2.15 -22.51 18.65
CA LEU A 186 0.99 -21.96 19.35
C LEU A 186 -0.12 -21.64 18.35
N GLY A 187 0.28 -21.23 17.13
CA GLY A 187 -0.66 -20.99 16.08
C GLY A 187 -0.34 -19.75 15.26
N ALA A 188 -1.36 -19.28 14.54
CA ALA A 188 -1.26 -18.12 13.65
C ALA A 188 -1.81 -16.86 14.31
N LEU A 189 -1.00 -15.79 14.34
CA LEU A 189 -1.50 -14.50 14.78
C LEU A 189 -1.93 -13.71 13.57
N PRO A 190 -3.24 -13.47 13.42
CA PRO A 190 -3.67 -12.72 12.25
C PRO A 190 -3.15 -11.30 12.29
N THR A 191 -2.73 -10.77 11.14
CA THR A 191 -2.27 -9.39 11.03
C THR A 191 -2.91 -8.74 9.81
N LEU A 192 -2.93 -7.41 9.80
CA LEU A 192 -3.58 -6.64 8.73
C LEU A 192 -5.05 -6.99 8.62
N TYR A 193 -5.66 -7.28 9.78
CA TYR A 193 -7.08 -7.61 9.84
C TYR A 193 -7.92 -6.36 9.57
N ASP A 194 -8.85 -6.46 8.62
CA ASP A 194 -9.71 -5.33 8.28
C ASP A 194 -11.15 -5.71 8.57
N SER A 195 -11.72 -5.06 9.58
CA SER A 195 -13.06 -5.37 10.07
C SER A 195 -14.17 -4.57 9.37
N ARG A 196 -13.83 -3.90 8.29
CA ARG A 196 -14.81 -3.09 7.58
C ARG A 196 -15.60 -3.94 6.57
N THR A 197 -14.98 -5.03 6.13
CA THR A 197 -15.65 -6.03 5.34
C THR A 197 -15.38 -7.38 6.00
N THR A 198 -16.00 -8.43 5.49
CA THR A 198 -15.85 -9.74 6.10
C THR A 198 -14.70 -10.53 5.51
N HIS A 199 -14.06 -9.98 4.47
CA HIS A 199 -13.03 -10.71 3.70
CA HIS A 199 -13.08 -10.74 3.71
C HIS A 199 -11.88 -11.21 4.56
N SER A 200 -11.48 -10.43 5.56
CA SER A 200 -10.38 -10.85 6.44
C SER A 200 -10.77 -12.09 7.24
N ARG A 201 -11.94 -12.01 7.86
CA ARG A 201 -12.52 -13.16 8.56
C ARG A 201 -12.64 -14.37 7.63
N ASP A 202 -13.11 -14.13 6.40
CA ASP A 202 -13.25 -15.17 5.40
C ASP A 202 -11.94 -15.88 5.20
N VAL A 203 -10.86 -15.10 5.12
CA VAL A 203 -9.53 -15.64 4.89
C VAL A 203 -9.09 -16.57 6.03
N LEU A 204 -9.33 -16.12 7.25
CA LEU A 204 -8.93 -16.87 8.43
C LEU A 204 -9.75 -18.15 8.61
N LEU A 205 -11.03 -18.08 8.28
CA LEU A 205 -11.88 -19.25 8.39
C LEU A 205 -11.43 -20.28 7.39
N ASP A 206 -10.97 -19.80 6.24
CA ASP A 206 -10.47 -20.66 5.18
C ASP A 206 -9.17 -21.36 5.59
N VAL A 207 -8.25 -20.59 6.15
CA VAL A 207 -6.95 -21.11 6.54
C VAL A 207 -7.11 -22.16 7.65
N ALA A 208 -7.91 -21.82 8.66
CA ALA A 208 -8.15 -22.72 9.79
C ALA A 208 -8.79 -24.02 9.31
N ASP A 209 -9.57 -23.92 8.25
CA ASP A 209 -10.23 -25.08 7.66
C ASP A 209 -9.30 -25.95 6.79
N ARG A 210 -8.32 -25.35 6.13
CA ARG A 210 -7.43 -26.13 5.25
C ARG A 210 -6.28 -26.81 6.01
N TYR A 211 -5.81 -26.18 7.06
CA TYR A 211 -4.56 -26.58 7.71
C TYR A 211 -4.74 -26.95 9.19
N GLU A 212 -3.83 -27.77 9.69
CA GLU A 212 -3.85 -28.13 11.11
C GLU A 212 -3.16 -27.03 11.91
N LEU A 213 -3.82 -25.88 11.99
CA LEU A 213 -3.22 -24.66 12.49
C LEU A 213 -4.21 -23.84 13.32
N PRO A 214 -3.97 -23.69 14.63
CA PRO A 214 -4.85 -22.81 15.40
C PRO A 214 -4.71 -21.37 14.95
N VAL A 215 -5.83 -20.67 14.79
CA VAL A 215 -5.80 -19.24 14.51
C VAL A 215 -6.17 -18.49 15.78
N LEU A 216 -5.26 -17.64 16.22
CA LEU A 216 -5.30 -17.08 17.56
C LEU A 216 -6.02 -15.74 17.61
N ALA A 217 -6.34 -15.31 18.83
CA ALA A 217 -6.98 -14.01 19.07
C ALA A 217 -6.16 -13.16 20.05
N PRO A 218 -6.28 -11.83 19.95
CA PRO A 218 -7.06 -11.10 18.95
C PRO A 218 -6.28 -10.88 17.65
N PRO A 219 -6.99 -10.59 16.55
CA PRO A 219 -6.32 -10.21 15.30
C PRO A 219 -5.65 -8.84 15.43
N ILE A 220 -4.47 -8.65 14.87
CA ILE A 220 -3.88 -7.31 14.80
C ILE A 220 -4.44 -6.55 13.60
N PRO A 221 -5.09 -5.40 13.85
CA PRO A 221 -5.76 -4.65 12.78
C PRO A 221 -4.76 -3.95 11.87
N ARG A 222 -5.16 -3.67 10.64
CA ARG A 222 -4.38 -2.82 9.74
C ARG A 222 -3.98 -1.51 10.43
N THR A 223 -2.69 -1.16 10.35
CA THR A 223 -2.16 0.02 11.03
C THR A 223 -1.63 1.05 10.03
N ARG A 240 0.28 4.42 21.34
CA ARG A 240 0.34 4.13 22.78
C ARG A 240 -1.00 3.56 23.30
N LYS A 241 -2.12 4.10 22.82
CA LYS A 241 -3.41 3.51 23.13
C LYS A 241 -4.18 3.21 21.84
N SER A 242 -3.44 2.87 20.79
CA SER A 242 -4.00 2.52 19.49
C SER A 242 -4.75 1.19 19.52
N LYS A 243 -5.53 0.91 18.48
CA LYS A 243 -6.22 -0.36 18.39
C LYS A 243 -5.22 -1.52 18.22
N GLY A 244 -4.15 -1.28 17.46
CA GLY A 244 -3.12 -2.29 17.27
C GLY A 244 -2.37 -2.52 18.57
N ALA A 245 -2.09 -1.44 19.28
CA ALA A 245 -1.40 -1.50 20.57
C ALA A 245 -2.19 -2.33 21.58
N ILE A 246 -3.50 -2.07 21.65
CA ILE A 246 -4.38 -2.80 22.53
C ILE A 246 -4.40 -4.29 22.21
N ALA A 247 -4.50 -4.61 20.93
CA ALA A 247 -4.49 -6.01 20.49
C ALA A 247 -3.17 -6.73 20.86
N TYR A 248 -2.04 -6.07 20.62
CA TYR A 248 -0.74 -6.62 20.98
C TYR A 248 -0.60 -6.82 22.49
N ARG A 249 -1.16 -5.87 23.25
CA ARG A 249 -1.11 -5.95 24.69
C ARG A 249 -1.95 -7.12 25.17
N GLU A 250 -3.13 -7.24 24.58
CA GLU A 250 -4.05 -8.33 24.87
C GLU A 250 -3.42 -9.67 24.51
N PHE A 251 -2.58 -9.67 23.49
CA PHE A 251 -2.00 -10.94 23.05
C PHE A 251 -0.80 -11.30 23.92
N ALA A 252 0.02 -10.31 24.24
CA ALA A 252 1.14 -10.53 25.15
C ALA A 252 0.63 -11.09 26.48
N ASP A 253 -0.54 -10.66 26.90
CA ASP A 253 -1.09 -11.10 28.18
C ASP A 253 -1.50 -12.57 28.13
N ALA A 254 -2.03 -12.99 27.00
CA ALA A 254 -2.40 -14.38 26.77
C ALA A 254 -1.14 -15.27 26.78
N LEU A 255 -0.07 -14.80 26.15
CA LEU A 255 1.21 -15.51 26.19
C LEU A 255 1.70 -15.70 27.63
N LEU A 256 1.68 -14.62 28.41
CA LEU A 256 2.12 -14.68 29.79
C LEU A 256 1.34 -15.71 30.58
N ARG A 257 0.02 -15.69 30.43
CA ARG A 257 -0.85 -16.60 31.17
C ARG A 257 -0.65 -18.03 30.70
N HIS A 258 -0.44 -18.19 29.41
CA HIS A 258 -0.14 -19.52 28.87
C HIS A 258 1.16 -20.08 29.46
N TRP A 259 2.16 -19.24 29.66
CA TRP A 259 3.44 -19.71 30.15
C TRP A 259 3.41 -19.93 31.66
N LYS A 260 2.58 -19.17 32.36
CA LYS A 260 2.51 -19.27 33.80
C LYS A 260 1.66 -20.46 34.25
N SER A 261 0.49 -20.61 33.66
CA SER A 261 -0.51 -21.56 34.16
C SER A 261 -0.97 -22.56 33.11
N GLY A 262 -0.39 -22.50 31.92
CA GLY A 262 -0.75 -23.45 30.89
C GLY A 262 -2.09 -23.19 30.21
N ARG A 263 -2.72 -22.08 30.55
CA ARG A 263 -3.95 -21.64 29.87
C ARG A 263 -3.78 -21.70 28.35
N LYS A 264 -4.73 -22.32 27.65
CA LYS A 264 -4.71 -22.39 26.20
C LYS A 264 -4.76 -20.98 25.62
N MET A 265 -4.06 -20.75 24.51
CA MET A 265 -4.16 -19.49 23.82
C MET A 265 -5.58 -19.34 23.23
N PRO A 266 -6.28 -18.25 23.58
CA PRO A 266 -7.63 -18.01 23.02
C PRO A 266 -7.58 -17.93 21.51
N THR A 267 -8.61 -18.43 20.82
CA THR A 267 -8.61 -18.56 19.36
C THR A 267 -9.56 -17.56 18.69
N PHE A 268 -9.18 -17.12 17.49
CA PHE A 268 -9.98 -16.20 16.69
C PHE A 268 -11.47 -16.60 16.69
N THR A 269 -11.71 -17.87 16.45
CA THR A 269 -13.01 -18.47 16.69
C THR A 269 -12.97 -19.19 18.05
N PRO A 270 -13.60 -18.58 19.07
CA PRO A 270 -13.59 -19.06 20.47
C PRO A 270 -14.05 -20.50 20.65
N GLU A 271 -13.40 -21.24 21.54
CA GLU A 271 -13.82 -22.61 21.87
C GLU A 271 -15.25 -22.64 22.37
N MET B 9 -14.45 22.95 -31.61
CA MET B 9 -14.79 21.61 -32.09
C MET B 9 -14.03 20.56 -31.28
N THR B 10 -12.95 21.00 -30.65
CA THR B 10 -12.10 20.15 -29.84
C THR B 10 -12.82 19.72 -28.57
N ARG B 11 -12.84 18.41 -28.28
CA ARG B 11 -13.44 17.94 -27.02
C ARG B 11 -12.51 18.10 -25.84
N VAL B 12 -13.05 18.59 -24.74
CA VAL B 12 -12.29 18.81 -23.52
C VAL B 12 -12.86 17.95 -22.43
N LEU B 13 -12.04 17.09 -21.86
CA LEU B 13 -12.45 16.16 -20.82
C LEU B 13 -11.66 16.42 -19.53
N ALA B 14 -12.40 16.73 -18.46
CA ALA B 14 -11.86 16.84 -17.11
C ALA B 14 -11.89 15.48 -16.38
N VAL B 15 -10.78 15.17 -15.73
CA VAL B 15 -10.71 14.01 -14.85
C VAL B 15 -10.45 14.52 -13.45
N ALA B 16 -11.36 14.23 -12.54
CA ALA B 16 -11.33 14.88 -11.24
C ALA B 16 -11.77 13.95 -10.08
N ASN B 17 -11.13 14.09 -8.93
CA ASN B 17 -11.45 13.33 -7.72
C ASN B 17 -10.66 13.96 -6.56
N GLN B 18 -11.35 14.60 -5.61
CA GLN B 18 -10.63 15.34 -4.58
C GLN B 18 -9.89 14.39 -3.62
N LYS B 19 -10.18 13.10 -3.72
CA LYS B 19 -9.45 12.09 -2.94
C LYS B 19 -8.12 11.71 -3.60
N GLY B 20 -7.94 12.08 -4.87
CA GLY B 20 -6.67 11.85 -5.54
C GLY B 20 -6.34 10.40 -5.88
N GLY B 21 -5.08 10.04 -5.62
CA GLY B 21 -4.54 8.70 -5.92
C GLY B 21 -3.80 8.62 -7.25
N VAL B 22 -2.89 7.65 -7.36
CA VAL B 22 -2.13 7.42 -8.58
C VAL B 22 -3.05 7.08 -9.78
N ALA B 23 -4.04 6.21 -9.55
CA ALA B 23 -4.95 5.76 -10.62
C ALA B 23 -5.69 6.88 -11.35
N LYS B 24 -5.96 7.99 -10.67
CA LYS B 24 -6.56 9.15 -11.33
C LYS B 24 -5.61 9.65 -12.42
N THR B 25 -4.36 9.86 -12.04
CA THR B 25 -3.37 10.38 -12.97
C THR B 25 -3.12 9.36 -14.08
N THR B 26 -2.94 8.10 -13.70
CA THR B 26 -2.72 7.00 -14.65
C THR B 26 -3.83 6.95 -15.70
N THR B 27 -5.05 7.30 -15.26
CA THR B 27 -6.23 7.26 -16.13
C THR B 27 -6.16 8.30 -17.25
N VAL B 28 -5.73 9.50 -16.88
CA VAL B 28 -5.56 10.61 -17.82
C VAL B 28 -4.57 10.24 -18.91
N ALA B 29 -3.42 9.73 -18.50
CA ALA B 29 -2.37 9.34 -19.43
C ALA B 29 -2.81 8.18 -20.33
N SER B 30 -3.56 7.25 -19.75
CA SER B 30 -3.91 6.02 -20.46
C SER B 30 -5.02 6.24 -21.48
N ILE B 31 -6.04 7.01 -21.11
CA ILE B 31 -7.06 7.41 -22.06
C ILE B 31 -6.42 8.19 -23.20
N GLY B 32 -5.47 9.06 -22.87
CA GLY B 32 -4.79 9.83 -23.88
C GLY B 32 -4.05 8.98 -24.90
N ALA B 33 -3.28 8.01 -24.40
CA ALA B 33 -2.52 7.09 -25.24
C ALA B 33 -3.43 6.25 -26.10
N ALA B 34 -4.54 5.78 -25.52
CA ALA B 34 -5.51 4.98 -26.28
C ALA B 34 -6.12 5.82 -27.42
N LEU B 35 -6.52 7.04 -27.09
CA LEU B 35 -7.08 7.96 -28.08
C LEU B 35 -6.08 8.27 -29.20
N THR B 36 -4.80 8.36 -28.85
CA THR B 36 -3.76 8.59 -29.84
C THR B 36 -3.67 7.39 -30.80
N GLU B 37 -3.80 6.18 -30.24
CA GLU B 37 -3.78 4.96 -31.02
C GLU B 37 -4.94 4.88 -32.03
N GLN B 38 -6.06 5.52 -31.70
CA GLN B 38 -7.21 5.56 -32.58
C GLN B 38 -7.14 6.74 -33.57
N GLY B 39 -6.04 7.48 -33.54
CA GLY B 39 -5.81 8.55 -34.51
C GLY B 39 -6.05 9.98 -34.07
N ARG B 40 -6.38 10.19 -32.81
CA ARG B 40 -6.68 11.53 -32.30
CA ARG B 40 -6.68 11.53 -32.32
C ARG B 40 -5.43 12.27 -31.84
N ARG B 41 -5.38 13.56 -32.16
CA ARG B 41 -4.32 14.44 -31.65
C ARG B 41 -4.70 14.83 -30.22
N VAL B 42 -3.90 14.44 -29.23
CA VAL B 42 -4.28 14.68 -27.84
C VAL B 42 -3.39 15.69 -27.13
N LEU B 43 -4.03 16.62 -26.43
CA LEU B 43 -3.34 17.46 -25.44
C LEU B 43 -3.68 17.02 -24.01
N LEU B 44 -2.68 16.80 -23.19
CA LEU B 44 -2.90 16.50 -21.78
C LEU B 44 -2.53 17.70 -20.95
N VAL B 45 -3.35 18.06 -19.96
CA VAL B 45 -3.00 19.18 -19.08
C VAL B 45 -2.80 18.77 -17.60
N ASP B 46 -1.63 19.06 -17.02
CA ASP B 46 -1.39 18.80 -15.60
C ASP B 46 -1.78 20.04 -14.82
N LEU B 47 -2.74 19.92 -13.91
CA LEU B 47 -3.12 21.08 -13.09
C LEU B 47 -2.75 20.86 -11.63
N ASP B 48 -1.86 19.90 -11.38
CA ASP B 48 -1.46 19.58 -10.01
C ASP B 48 -0.06 20.12 -9.75
N PRO B 49 0.10 20.98 -8.73
CA PRO B 49 1.45 21.51 -8.47
C PRO B 49 2.45 20.41 -8.07
N GLN B 50 1.96 19.24 -7.66
CA GLN B 50 2.86 18.12 -7.37
C GLN B 50 3.39 17.48 -8.67
N GLY B 51 2.76 17.85 -9.80
CA GLY B 51 3.24 17.45 -11.11
C GLY B 51 3.26 15.95 -11.35
N CYS B 52 2.28 15.22 -10.81
CA CYS B 52 2.21 13.75 -10.96
C CYS B 52 2.18 13.32 -12.41
N LEU B 53 1.28 13.93 -13.18
CA LEU B 53 1.11 13.58 -14.59
C LEU B 53 2.42 13.88 -15.34
N THR B 54 2.90 15.11 -15.16
CA THR B 54 4.10 15.60 -15.83
C THR B 54 5.28 14.65 -15.63
N PHE B 55 5.47 14.22 -14.39
CA PHE B 55 6.52 13.30 -14.01
C PHE B 55 6.31 11.90 -14.61
N SER B 56 5.09 11.40 -14.53
CA SER B 56 4.78 10.05 -15.00
C SER B 56 4.96 9.91 -16.52
N LEU B 57 4.82 11.03 -17.25
CA LEU B 57 5.04 11.05 -18.70
C LEU B 57 6.53 11.15 -19.07
N GLY B 58 7.40 11.17 -18.06
CA GLY B 58 8.83 11.22 -18.30
C GLY B 58 9.51 12.58 -18.23
N HIS B 59 8.76 13.64 -17.89
CA HIS B 59 9.34 14.98 -17.76
C HIS B 59 9.65 15.33 -16.32
N ASP B 60 10.80 15.95 -16.10
CA ASP B 60 11.19 16.42 -14.78
C ASP B 60 10.60 17.80 -14.52
N PRO B 61 9.58 17.87 -13.65
CA PRO B 61 8.84 19.13 -13.42
C PRO B 61 9.78 20.24 -12.98
N ASP B 62 10.81 19.88 -12.22
CA ASP B 62 11.76 20.86 -11.71
C ASP B 62 12.64 21.49 -12.78
N LYS B 63 12.80 20.83 -13.93
CA LYS B 63 13.68 21.39 -14.95
C LYS B 63 12.88 22.13 -16.04
N LEU B 64 11.57 22.26 -15.85
CA LEU B 64 10.72 23.00 -16.79
C LEU B 64 11.03 24.50 -16.81
N PRO B 65 11.42 25.04 -17.97
CA PRO B 65 11.70 26.48 -18.06
C PRO B 65 10.44 27.32 -17.91
N VAL B 66 9.31 26.75 -18.35
CA VAL B 66 7.98 27.32 -18.14
C VAL B 66 6.99 26.20 -17.98
N SER B 67 5.80 26.53 -17.51
CA SER B 67 4.77 25.53 -17.33
C SER B 67 3.40 26.17 -17.45
N VAL B 68 2.39 25.39 -17.11
CA VAL B 68 1.01 25.86 -17.13
C VAL B 68 0.81 27.03 -16.13
N HIS B 69 1.68 27.15 -15.14
CA HIS B 69 1.66 28.27 -14.21
C HIS B 69 1.66 29.61 -14.98
N GLU B 70 2.66 29.79 -15.83
CA GLU B 70 2.80 31.04 -16.60
C GLU B 70 1.67 31.25 -17.62
N VAL B 71 1.17 30.15 -18.18
CA VAL B 71 0.07 30.21 -19.13
C VAL B 71 -1.22 30.73 -18.46
N LEU B 72 -1.56 30.16 -17.31
CA LEU B 72 -2.72 30.58 -16.54
C LEU B 72 -2.66 32.07 -16.17
N LEU B 73 -1.47 32.54 -15.83
CA LEU B 73 -1.31 33.93 -15.44
C LEU B 73 -1.25 34.90 -16.65
N GLY B 74 -1.15 34.36 -17.87
CA GLY B 74 -1.05 35.19 -19.06
C GLY B 74 0.32 35.77 -19.39
N ASP B 75 1.36 35.21 -18.79
CA ASP B 75 2.71 35.72 -18.99
C ASP B 75 3.39 35.08 -20.19
N VAL B 76 2.88 33.92 -20.57
CA VAL B 76 3.41 33.17 -21.68
C VAL B 76 2.25 32.57 -22.46
N GLU B 77 2.28 32.70 -23.78
CA GLU B 77 1.27 32.10 -24.61
C GLU B 77 1.31 30.57 -24.48
N PRO B 78 0.13 29.94 -24.56
CA PRO B 78 -0.03 28.51 -24.31
C PRO B 78 0.92 27.63 -25.12
N SER B 79 1.05 27.88 -26.42
CA SER B 79 1.83 27.01 -27.28
C SER B 79 3.31 27.03 -26.89
N ALA B 80 3.71 28.07 -26.18
CA ALA B 80 5.10 28.20 -25.75
C ALA B 80 5.46 27.28 -24.59
N ALA B 81 4.46 26.70 -23.93
CA ALA B 81 4.71 25.87 -22.75
C ALA B 81 4.61 24.38 -23.07
N LEU B 82 4.06 24.06 -24.23
CA LEU B 82 3.78 22.68 -24.63
C LEU B 82 5.05 21.88 -24.82
N VAL B 83 5.06 20.65 -24.32
CA VAL B 83 6.17 19.73 -24.56
C VAL B 83 5.63 18.42 -25.13
N ARG B 84 6.52 17.62 -25.73
CA ARG B 84 6.10 16.35 -26.33
C ARG B 84 6.20 15.20 -25.34
N THR B 85 5.47 14.12 -25.61
CA THR B 85 5.60 12.89 -24.84
C THR B 85 6.02 11.76 -25.76
N ASP B 86 6.60 10.71 -25.18
CA ASP B 86 7.08 9.59 -25.97
C ASP B 86 5.94 8.90 -26.70
N GLU B 87 4.76 8.91 -26.08
CA GLU B 87 3.62 8.16 -26.61
C GLU B 87 2.94 8.87 -27.79
N GLY B 88 3.34 10.11 -28.07
CA GLY B 88 2.74 10.88 -29.15
C GLY B 88 1.79 11.99 -28.72
N MET B 89 1.57 12.12 -27.42
CA MET B 89 0.66 13.15 -26.92
CA MET B 89 0.67 13.14 -26.89
C MET B 89 1.43 14.45 -26.69
N THR B 90 0.69 15.54 -26.55
CA THR B 90 1.31 16.81 -26.21
C THR B 90 0.95 17.13 -24.77
N LEU B 91 1.91 17.68 -24.02
CA LEU B 91 1.70 17.99 -22.61
C LEU B 91 1.81 19.46 -22.29
N LEU B 92 0.84 19.94 -21.52
CA LEU B 92 0.93 21.21 -20.83
C LEU B 92 1.24 20.91 -19.36
N PRO B 93 2.54 20.97 -18.99
CA PRO B 93 3.13 20.39 -17.77
C PRO B 93 2.97 21.27 -16.52
N ALA B 94 3.06 20.65 -15.36
CA ALA B 94 3.01 21.42 -14.14
C ALA B 94 4.24 21.16 -13.28
N ASN B 95 4.59 22.13 -12.45
CA ASN B 95 5.49 21.90 -11.32
C ASN B 95 5.01 22.69 -10.10
N ILE B 96 5.81 22.75 -9.05
CA ILE B 96 5.40 23.36 -7.79
C ILE B 96 5.03 24.84 -7.94
N ASP B 97 5.56 25.51 -8.97
CA ASP B 97 5.24 26.93 -9.18
C ASP B 97 3.72 27.18 -9.23
N LEU B 98 3.00 26.20 -9.75
CA LEU B 98 1.55 26.28 -9.95
C LEU B 98 0.79 26.59 -8.67
N ALA B 99 1.34 26.20 -7.52
CA ALA B 99 0.75 26.53 -6.21
C ALA B 99 0.54 28.04 -6.05
N GLY B 100 1.39 28.82 -6.72
CA GLY B 100 1.29 30.27 -6.71
C GLY B 100 0.13 30.76 -7.55
N ALA B 101 -0.17 30.05 -8.65
CA ALA B 101 -1.31 30.44 -9.49
C ALA B 101 -2.58 30.28 -8.67
N GLU B 102 -2.76 29.10 -8.10
CA GLU B 102 -3.83 28.84 -7.15
C GLU B 102 -4.02 30.03 -6.20
N ALA B 103 -2.92 30.54 -5.64
CA ALA B 103 -2.98 31.61 -4.66
C ALA B 103 -3.24 32.98 -5.30
N MET B 104 -2.60 33.27 -6.43
CA MET B 104 -2.71 34.59 -7.08
C MET B 104 -4.03 34.76 -7.79
N LEU B 105 -4.50 33.71 -8.47
CA LEU B 105 -5.78 33.74 -9.17
C LEU B 105 -6.92 34.00 -8.21
N LEU B 106 -6.77 33.46 -7.00
CA LEU B 106 -7.79 33.56 -5.96
C LEU B 106 -8.19 35.04 -5.68
N MET B 107 -7.28 35.96 -5.97
CA MET B 107 -7.58 37.39 -5.93
C MET B 107 -7.61 38.01 -7.32
N ARG B 108 -8.34 37.38 -8.25
CA ARG B 108 -8.42 37.88 -9.62
C ARG B 108 -9.85 37.90 -10.15
N ALA B 109 -10.09 38.78 -11.12
CA ALA B 109 -11.42 38.98 -11.69
C ALA B 109 -11.94 37.70 -12.33
N GLY B 110 -11.40 37.32 -13.49
CA GLY B 110 -11.94 36.20 -14.25
C GLY B 110 -11.35 34.85 -13.87
N ARG B 111 -11.11 34.68 -12.56
CA ARG B 111 -10.41 33.52 -11.99
C ARG B 111 -10.70 32.17 -12.68
N GLU B 112 -11.97 31.78 -12.71
CA GLU B 112 -12.37 30.46 -13.16
C GLU B 112 -12.04 30.14 -14.62
N TYR B 113 -11.80 31.17 -15.43
CA TYR B 113 -11.69 30.99 -16.87
C TYR B 113 -10.27 31.05 -17.49
N ALA B 114 -9.22 30.94 -16.67
CA ALA B 114 -7.88 31.17 -17.23
C ALA B 114 -7.44 30.03 -18.16
N LEU B 115 -7.76 28.78 -17.78
CA LEU B 115 -7.43 27.64 -18.63
C LEU B 115 -8.30 27.61 -19.89
N LYS B 116 -9.57 27.99 -19.75
CA LYS B 116 -10.46 28.06 -20.89
C LYS B 116 -9.95 29.06 -21.91
N ARG B 117 -9.53 30.23 -21.45
CA ARG B 117 -9.02 31.26 -22.34
C ARG B 117 -7.79 30.74 -23.08
N ALA B 118 -6.95 30.03 -22.35
CA ALA B 118 -5.75 29.43 -22.89
C ALA B 118 -6.05 28.32 -23.92
N LEU B 119 -6.96 27.40 -23.58
CA LEU B 119 -7.24 26.30 -24.50
C LEU B 119 -7.91 26.82 -25.76
N ALA B 120 -8.59 27.96 -25.65
CA ALA B 120 -9.28 28.56 -26.79
C ALA B 120 -8.28 28.95 -27.88
N LYS B 121 -7.08 29.32 -27.46
CA LYS B 121 -6.03 29.74 -28.39
C LYS B 121 -5.38 28.53 -29.08
N LEU B 122 -5.64 27.34 -28.55
CA LEU B 122 -5.14 26.11 -29.14
C LEU B 122 -6.22 25.33 -29.89
N ASP B 123 -7.38 25.94 -30.08
CA ASP B 123 -8.53 25.25 -30.67
C ASP B 123 -8.28 24.83 -32.12
N GLY B 124 -8.43 23.54 -32.40
CA GLY B 124 -8.18 23.04 -33.73
C GLY B 124 -6.79 22.47 -33.90
N ASP B 125 -5.92 22.73 -32.93
CA ASP B 125 -4.59 22.13 -32.91
C ASP B 125 -4.66 20.71 -32.33
N PHE B 126 -5.74 20.41 -31.64
CA PHE B 126 -5.92 19.09 -31.05
C PHE B 126 -7.37 18.65 -31.23
N ASP B 127 -7.61 17.35 -31.09
CA ASP B 127 -8.96 16.82 -31.19
C ASP B 127 -9.52 16.61 -29.80
N VAL B 128 -8.64 16.25 -28.87
CA VAL B 128 -9.09 16.01 -27.51
C VAL B 128 -8.12 16.65 -26.52
N VAL B 129 -8.69 17.24 -25.48
CA VAL B 129 -7.91 17.75 -24.38
C VAL B 129 -8.34 17.02 -23.12
N ILE B 130 -7.38 16.52 -22.37
CA ILE B 130 -7.70 15.85 -21.12
C ILE B 130 -6.96 16.52 -19.97
N ILE B 131 -7.71 16.94 -18.95
CA ILE B 131 -7.17 17.69 -17.84
C ILE B 131 -7.08 16.84 -16.57
N ASP B 132 -5.90 16.74 -15.99
CA ASP B 132 -5.71 16.04 -14.73
C ASP B 132 -5.84 17.05 -13.59
N CYS B 133 -7.03 17.12 -12.99
CA CYS B 133 -7.26 18.03 -11.85
C CYS B 133 -6.61 17.55 -10.56
N PRO B 134 -6.06 18.48 -9.75
CA PRO B 134 -5.42 18.18 -8.46
C PRO B 134 -6.40 17.62 -7.41
N PRO B 135 -5.90 16.89 -6.38
CA PRO B 135 -6.78 16.34 -5.34
C PRO B 135 -7.33 17.43 -4.43
N SER B 136 -8.24 18.23 -4.95
CA SER B 136 -8.86 19.32 -4.21
C SER B 136 -10.01 19.87 -5.04
N LEU B 137 -10.74 20.82 -4.45
CA LEU B 137 -11.88 21.44 -5.12
C LEU B 137 -11.72 22.94 -4.99
N GLY B 138 -10.48 23.41 -5.04
CA GLY B 138 -10.23 24.84 -5.07
C GLY B 138 -10.18 25.38 -6.49
N VAL B 139 -9.35 26.41 -6.69
CA VAL B 139 -9.36 27.21 -7.90
C VAL B 139 -8.80 26.46 -9.12
N LEU B 140 -7.73 25.70 -8.92
CA LEU B 140 -7.15 24.96 -10.04
C LEU B 140 -8.17 23.94 -10.59
N THR B 141 -8.77 23.16 -9.70
CA THR B 141 -9.81 22.23 -10.12
C THR B 141 -11.01 22.98 -10.74
N LEU B 142 -11.36 24.14 -10.20
CA LEU B 142 -12.45 24.93 -10.80
C LEU B 142 -12.11 25.34 -12.25
N ASN B 143 -10.85 25.67 -12.50
CA ASN B 143 -10.40 25.96 -13.86
C ASN B 143 -10.53 24.76 -14.81
N GLY B 144 -10.27 23.56 -14.30
CA GLY B 144 -10.41 22.36 -15.11
C GLY B 144 -11.88 22.12 -15.50
N LEU B 145 -12.78 22.23 -14.53
CA LEU B 145 -14.18 21.98 -14.78
C LEU B 145 -14.81 23.08 -15.64
N THR B 146 -14.32 24.30 -15.55
CA THR B 146 -14.86 25.39 -16.35
C THR B 146 -14.47 25.27 -17.83
N ALA B 147 -13.31 24.67 -18.11
CA ALA B 147 -12.87 24.51 -19.50
C ALA B 147 -13.49 23.29 -20.19
N ALA B 148 -14.07 22.39 -19.43
CA ALA B 148 -14.45 21.07 -19.93
C ALA B 148 -15.87 20.96 -20.51
N HIS B 149 -16.03 20.08 -21.50
CA HIS B 149 -17.34 19.66 -21.97
C HIS B 149 -17.89 18.59 -21.05
N ASP B 150 -17.01 17.65 -20.76
CA ASP B 150 -17.34 16.45 -20.01
C ASP B 150 -16.39 16.25 -18.85
N VAL B 151 -16.91 15.69 -17.76
CA VAL B 151 -16.05 15.30 -16.64
C VAL B 151 -16.30 13.85 -16.26
N ILE B 152 -15.26 13.15 -15.82
CA ILE B 152 -15.44 11.84 -15.21
C ILE B 152 -14.71 11.85 -13.88
N VAL B 153 -15.18 11.02 -12.95
CA VAL B 153 -14.48 10.82 -11.71
C VAL B 153 -13.96 9.38 -11.68
N PRO B 154 -12.63 9.22 -11.67
CA PRO B 154 -12.05 7.89 -11.53
C PRO B 154 -12.11 7.48 -10.06
N LEU B 155 -12.94 6.48 -9.78
CA LEU B 155 -13.30 6.12 -8.42
C LEU B 155 -12.68 4.79 -8.04
N GLN B 156 -11.76 4.82 -7.09
CA GLN B 156 -11.12 3.58 -6.63
C GLN B 156 -12.14 2.64 -5.97
N CYS B 157 -12.06 1.36 -6.35
CA CYS B 157 -12.90 0.31 -5.78
C CYS B 157 -12.37 -0.20 -4.43
N GLU B 158 -12.68 0.52 -3.37
CA GLU B 158 -12.22 0.18 -2.03
C GLU B 158 -13.39 0.41 -1.08
N THR B 159 -13.25 -0.04 0.17
CA THR B 159 -14.27 0.25 1.16
C THR B 159 -14.38 1.77 1.30
N LEU B 160 -15.60 2.25 1.48
CA LEU B 160 -15.89 3.67 1.69
C LEU B 160 -15.55 4.51 0.48
N ALA B 161 -15.56 3.89 -0.70
CA ALA B 161 -15.40 4.62 -1.94
C ALA B 161 -16.42 5.74 -2.04
N HIS B 162 -17.59 5.55 -1.42
CA HIS B 162 -18.68 6.52 -1.50
C HIS B 162 -18.33 7.83 -0.81
N ARG B 163 -17.32 7.80 0.06
CA ARG B 163 -16.92 9.00 0.79
C ARG B 163 -16.46 10.05 -0.18
N GLY B 164 -17.03 11.25 -0.05
CA GLY B 164 -16.68 12.34 -0.95
C GLY B 164 -17.47 12.42 -2.26
N VAL B 165 -18.20 11.36 -2.63
CA VAL B 165 -18.97 11.40 -3.89
C VAL B 165 -20.06 12.49 -3.82
N GLY B 166 -20.78 12.55 -2.69
CA GLY B 166 -21.80 13.57 -2.51
C GLY B 166 -21.27 14.97 -2.73
N GLN B 167 -20.14 15.27 -2.11
CA GLN B 167 -19.52 16.58 -2.22
C GLN B 167 -19.06 16.82 -3.65
N PHE B 168 -18.59 15.77 -4.31
CA PHE B 168 -18.17 15.90 -5.70
C PHE B 168 -19.32 16.33 -6.59
N LEU B 169 -20.48 15.68 -6.39
CA LEU B 169 -21.67 16.00 -7.18
C LEU B 169 -22.13 17.44 -6.96
N ARG B 170 -22.05 17.91 -5.72
CA ARG B 170 -22.43 19.27 -5.42
C ARG B 170 -21.52 20.29 -6.13
N THR B 171 -20.23 19.99 -6.18
CA THR B 171 -19.30 20.86 -6.88
C THR B 171 -19.59 20.91 -8.41
N ILE B 172 -19.87 19.76 -9.01
CA ILE B 172 -20.26 19.75 -10.42
C ILE B 172 -21.51 20.62 -10.65
N SER B 173 -22.49 20.43 -9.77
CA SER B 173 -23.68 21.28 -9.73
C SER B 173 -23.33 22.76 -9.63
N ASP B 174 -22.45 23.11 -8.70
CA ASP B 174 -22.05 24.52 -8.53
C ASP B 174 -21.41 25.08 -9.80
N VAL B 175 -20.50 24.32 -10.41
CA VAL B 175 -19.82 24.79 -11.61
C VAL B 175 -20.82 25.00 -12.75
N GLN B 176 -21.78 24.08 -12.86
CA GLN B 176 -22.83 24.26 -13.85
C GLN B 176 -23.58 25.56 -13.63
N GLN B 177 -23.77 25.93 -12.37
CA GLN B 177 -24.61 27.08 -12.07
C GLN B 177 -23.83 28.39 -12.15
N ILE B 178 -22.50 28.32 -12.09
CA ILE B 178 -21.73 29.55 -12.05
C ILE B 178 -20.87 29.80 -13.30
N THR B 179 -20.19 28.77 -13.80
CA THR B 179 -19.21 29.01 -14.86
C THR B 179 -19.36 28.18 -16.13
N ASN B 180 -20.15 27.11 -16.08
CA ASN B 180 -20.14 26.17 -17.18
C ASN B 180 -21.44 25.36 -17.18
N PRO B 181 -22.54 25.99 -17.62
CA PRO B 181 -23.86 25.35 -17.67
C PRO B 181 -23.88 24.11 -18.56
N ASP B 182 -22.94 24.00 -19.49
CA ASP B 182 -22.96 22.87 -20.40
C ASP B 182 -22.12 21.68 -19.95
N LEU B 183 -21.46 21.80 -18.79
CA LEU B 183 -20.66 20.69 -18.27
C LEU B 183 -21.54 19.47 -18.06
N LYS B 184 -21.13 18.34 -18.62
CA LYS B 184 -21.86 17.10 -18.41
C LYS B 184 -21.03 16.13 -17.58
N LEU B 185 -21.65 15.52 -16.59
CA LEU B 185 -21.00 14.46 -15.85
C LEU B 185 -21.29 13.12 -16.52
N LEU B 186 -20.28 12.52 -17.14
CA LEU B 186 -20.47 11.23 -17.80
C LEU B 186 -20.60 10.11 -16.75
N GLY B 187 -19.91 10.24 -15.63
CA GLY B 187 -20.07 9.30 -14.54
C GLY B 187 -18.78 8.92 -13.84
N ALA B 188 -18.86 7.86 -13.04
CA ALA B 188 -17.71 7.34 -12.32
C ALA B 188 -17.00 6.22 -13.09
N LEU B 189 -15.70 6.36 -13.29
CA LEU B 189 -14.91 5.27 -13.89
C LEU B 189 -14.22 4.53 -12.75
N PRO B 190 -14.62 3.26 -12.53
CA PRO B 190 -14.07 2.42 -11.45
C PRO B 190 -12.61 2.05 -11.71
N THR B 191 -11.74 2.31 -10.73
CA THR B 191 -10.35 1.93 -10.83
C THR B 191 -10.02 0.95 -9.72
N LEU B 192 -8.88 0.27 -9.84
CA LEU B 192 -8.47 -0.73 -8.87
C LEU B 192 -9.53 -1.83 -8.71
N TYR B 193 -10.21 -2.18 -9.80
CA TYR B 193 -11.27 -3.17 -9.71
C TYR B 193 -10.66 -4.56 -9.49
N ASP B 194 -11.13 -5.24 -8.44
CA ASP B 194 -10.67 -6.59 -8.12
C ASP B 194 -11.77 -7.62 -8.42
N SER B 195 -11.59 -8.36 -9.51
CA SER B 195 -12.56 -9.37 -9.93
C SER B 195 -12.39 -10.70 -9.20
N ARG B 196 -11.44 -10.77 -8.27
CA ARG B 196 -11.18 -12.02 -7.55
C ARG B 196 -12.22 -12.27 -6.45
N THR B 197 -12.79 -11.20 -5.90
CA THR B 197 -13.92 -11.36 -4.99
C THR B 197 -15.07 -10.44 -5.36
N THR B 198 -16.07 -10.42 -4.49
CA THR B 198 -17.32 -9.71 -4.76
C THR B 198 -17.29 -8.26 -4.25
N HIS B 199 -16.17 -7.86 -3.65
CA HIS B 199 -16.09 -6.60 -2.91
C HIS B 199 -16.14 -5.35 -3.80
N SER B 200 -15.38 -5.36 -4.89
CA SER B 200 -15.36 -4.21 -5.80
C SER B 200 -16.74 -3.95 -6.38
N ARG B 201 -17.39 -5.02 -6.80
CA ARG B 201 -18.73 -4.93 -7.35
C ARG B 201 -19.71 -4.31 -6.35
N ASP B 202 -19.79 -4.88 -5.14
CA ASP B 202 -20.71 -4.36 -4.15
C ASP B 202 -20.43 -2.89 -3.81
N VAL B 203 -19.17 -2.48 -3.82
CA VAL B 203 -18.84 -1.08 -3.55
C VAL B 203 -19.45 -0.18 -4.63
N LEU B 204 -19.39 -0.67 -5.86
CA LEU B 204 -19.94 0.04 -7.01
C LEU B 204 -21.47 0.09 -7.05
N LEU B 205 -22.14 -1.03 -6.75
CA LEU B 205 -23.60 -1.06 -6.80
C LEU B 205 -24.18 -0.11 -5.75
N ASP B 206 -23.49 -0.04 -4.61
CA ASP B 206 -23.90 0.83 -3.52
C ASP B 206 -23.76 2.32 -3.87
N VAL B 207 -22.69 2.67 -4.57
CA VAL B 207 -22.53 4.03 -5.06
C VAL B 207 -23.66 4.39 -6.01
N ALA B 208 -23.95 3.48 -6.94
CA ALA B 208 -25.03 3.68 -7.88
C ALA B 208 -26.35 3.89 -7.15
N ASP B 209 -26.60 3.05 -6.15
CA ASP B 209 -27.80 3.13 -5.34
C ASP B 209 -27.90 4.42 -4.53
N ARG B 210 -26.76 4.89 -4.01
CA ARG B 210 -26.73 6.03 -3.10
C ARG B 210 -26.87 7.36 -3.84
N TYR B 211 -26.34 7.42 -5.05
CA TYR B 211 -26.10 8.71 -5.71
C TYR B 211 -26.66 8.83 -7.12
N GLU B 212 -27.06 7.72 -7.71
CA GLU B 212 -27.64 7.67 -9.06
C GLU B 212 -26.66 8.15 -10.12
N LEU B 213 -25.42 8.30 -9.70
CA LEU B 213 -24.29 8.55 -10.58
C LEU B 213 -24.08 7.33 -11.48
N PRO B 214 -23.94 7.55 -12.80
CA PRO B 214 -23.67 6.38 -13.65
C PRO B 214 -22.30 5.81 -13.39
N VAL B 215 -22.23 4.49 -13.28
CA VAL B 215 -20.96 3.79 -13.09
C VAL B 215 -20.61 3.14 -14.42
N LEU B 216 -19.54 3.63 -15.01
CA LEU B 216 -19.21 3.35 -16.40
C LEU B 216 -18.46 2.03 -16.58
N ALA B 217 -18.47 1.53 -17.80
CA ALA B 217 -17.80 0.30 -18.15
C ALA B 217 -16.74 0.55 -19.22
N PRO B 218 -15.69 -0.29 -19.26
CA PRO B 218 -15.41 -1.35 -18.29
C PRO B 218 -14.65 -0.80 -17.10
N PRO B 219 -14.70 -1.50 -15.96
CA PRO B 219 -13.88 -1.06 -14.82
C PRO B 219 -12.40 -1.24 -15.14
N ILE B 220 -11.54 -0.38 -14.61
CA ILE B 220 -10.12 -0.62 -14.71
C ILE B 220 -9.65 -1.55 -13.57
N PRO B 221 -9.13 -2.73 -13.92
CA PRO B 221 -8.65 -3.67 -12.92
C PRO B 221 -7.41 -3.17 -12.18
N ARG B 222 -7.26 -3.58 -10.91
CA ARG B 222 -6.03 -3.33 -10.16
C ARG B 222 -4.85 -3.89 -10.96
N THR B 223 -3.79 -3.10 -11.10
CA THR B 223 -2.64 -3.53 -11.91
C THR B 223 -1.35 -3.50 -11.11
N LYS B 241 -0.53 -4.40 -23.67
CA LYS B 241 -1.35 -5.56 -24.01
C LYS B 241 -1.89 -6.26 -22.77
N SER B 242 -1.92 -5.55 -21.64
CA SER B 242 -2.41 -6.12 -20.39
C SER B 242 -3.93 -5.98 -20.29
N LYS B 243 -4.50 -6.46 -19.20
CA LYS B 243 -5.95 -6.39 -18.99
C LYS B 243 -6.41 -4.94 -18.80
N GLY B 244 -5.55 -4.10 -18.21
CA GLY B 244 -5.88 -2.71 -17.97
C GLY B 244 -5.71 -1.84 -19.21
N ALA B 245 -4.68 -2.12 -19.99
CA ALA B 245 -4.49 -1.45 -21.26
C ALA B 245 -5.70 -1.76 -22.13
N ILE B 246 -6.14 -3.02 -22.10
CA ILE B 246 -7.39 -3.43 -22.74
C ILE B 246 -8.58 -2.61 -22.23
N ALA B 247 -8.74 -2.53 -20.91
CA ALA B 247 -9.86 -1.79 -20.33
C ALA B 247 -9.86 -0.31 -20.76
N TYR B 248 -8.68 0.31 -20.76
CA TYR B 248 -8.60 1.73 -21.14
C TYR B 248 -8.90 1.95 -22.61
N ARG B 249 -8.42 1.03 -23.44
CA ARG B 249 -8.63 1.15 -24.87
C ARG B 249 -10.12 1.10 -25.15
N GLU B 250 -10.80 0.21 -24.44
CA GLU B 250 -12.23 0.04 -24.64
C GLU B 250 -13.03 1.23 -24.06
N PHE B 251 -12.60 1.77 -22.92
CA PHE B 251 -13.24 2.97 -22.41
C PHE B 251 -13.05 4.13 -23.38
N ALA B 252 -11.83 4.28 -23.91
CA ALA B 252 -11.52 5.34 -24.87
C ALA B 252 -12.40 5.22 -26.11
N ASP B 253 -12.60 4.00 -26.58
CA ASP B 253 -13.48 3.74 -27.71
C ASP B 253 -14.89 4.29 -27.41
N ALA B 254 -15.38 4.03 -26.20
CA ALA B 254 -16.70 4.51 -25.79
C ALA B 254 -16.77 6.04 -25.85
N LEU B 255 -15.71 6.69 -25.38
CA LEU B 255 -15.61 8.14 -25.45
C LEU B 255 -15.69 8.64 -26.89
N LEU B 256 -14.97 7.99 -27.78
CA LEU B 256 -14.99 8.36 -29.19
C LEU B 256 -16.40 8.23 -29.77
N ARG B 257 -17.05 7.10 -29.53
CA ARG B 257 -18.38 6.85 -30.07
C ARG B 257 -19.40 7.87 -29.49
N HIS B 258 -19.22 8.23 -28.22
CA HIS B 258 -20.08 9.22 -27.59
C HIS B 258 -19.94 10.61 -28.21
N TRP B 259 -18.71 11.04 -28.47
CA TRP B 259 -18.46 12.35 -29.05
C TRP B 259 -18.90 12.43 -30.50
N LYS B 260 -18.66 11.36 -31.25
CA LYS B 260 -19.00 11.34 -32.68
C LYS B 260 -20.47 11.06 -32.93
N SER B 261 -21.07 10.13 -32.18
CA SER B 261 -22.41 9.63 -32.51
C SER B 261 -23.47 9.95 -31.47
N GLY B 262 -23.09 10.46 -30.32
CA GLY B 262 -24.05 10.70 -29.27
C GLY B 262 -24.39 9.43 -28.51
N ARG B 263 -23.66 8.36 -28.78
CA ARG B 263 -23.90 7.08 -28.11
C ARG B 263 -23.67 7.20 -26.60
N LYS B 264 -24.69 6.81 -25.82
CA LYS B 264 -24.61 6.84 -24.36
C LYS B 264 -23.48 5.95 -23.84
N MET B 265 -22.68 6.48 -22.91
CA MET B 265 -21.60 5.69 -22.33
C MET B 265 -22.18 4.42 -21.68
N PRO B 266 -21.57 3.26 -21.98
CA PRO B 266 -22.02 1.99 -21.38
C PRO B 266 -21.83 1.99 -19.85
N THR B 267 -22.70 1.26 -19.15
CA THR B 267 -22.64 1.22 -17.69
C THR B 267 -22.23 -0.17 -17.20
N PHE B 268 -21.70 -0.22 -16.00
CA PHE B 268 -21.13 -1.45 -15.47
C PHE B 268 -22.22 -2.45 -15.14
N THR B 269 -22.07 -3.66 -15.67
CA THR B 269 -22.97 -4.77 -15.38
C THR B 269 -22.13 -6.02 -15.14
N PRO B 270 -21.93 -6.38 -13.86
CA PRO B 270 -21.04 -7.50 -13.50
C PRO B 270 -21.39 -8.82 -14.19
N GLU B 271 -20.35 -9.60 -14.54
CA GLU B 271 -20.52 -10.94 -15.10
C GLU B 271 -19.42 -11.87 -14.57
#